data_3MOQ
#
_entry.id   3MOQ
#
_cell.length_a   79.653
_cell.length_b   79.653
_cell.length_c   85.457
_cell.angle_alpha   90.00
_cell.angle_beta   90.00
_cell.angle_gamma   120.00
#
_symmetry.space_group_name_H-M   'P 32'
#
loop_
_entity.id
_entity.type
_entity.pdbx_description
1 polymer 'New antigen receptor variable domain,P3(40) peptide from Amyloid beta A4 protein,New antigen receptor variable domain'
2 water water
#
_entity_poly.entity_id   1
_entity_poly.type   'polypeptide(L)'
_entity_poly.pdbx_seq_one_letter_code
;AWVDQTPRTATKETGESLTINCVLRDASFELKDTGWYRTKLGSTNEQSISIGGRYVETVNKGSKSFSLRISDLRVEDSGT
YKCQAFYVFFAEDVGSNKGAIIGLMVGGVVIGGEKGAGTALTVKAA
;
_entity_poly.pdbx_strand_id   A,B,C,D
#
# COMPACT_ATOMS: atom_id res chain seq x y z
N ALA A 1 -10.99 -2.55 -20.81
CA ALA A 1 -10.54 -3.98 -20.78
C ALA A 1 -11.66 -4.88 -20.25
N TRP A 2 -11.73 -6.11 -20.73
CA TRP A 2 -12.56 -7.15 -20.10
C TRP A 2 -12.00 -8.50 -20.50
N VAL A 3 -12.27 -9.51 -19.70
CA VAL A 3 -11.87 -10.88 -20.02
C VAL A 3 -13.04 -11.69 -20.56
N ASP A 4 -12.84 -12.28 -21.73
CA ASP A 4 -13.85 -13.03 -22.44
C ASP A 4 -13.58 -14.53 -22.24
N GLN A 5 -14.39 -15.15 -21.40
CA GLN A 5 -14.25 -16.55 -20.98
C GLN A 5 -15.32 -17.39 -21.65
N THR A 6 -14.89 -18.44 -22.35
CA THR A 6 -15.80 -19.37 -23.01
C THR A 6 -15.31 -20.80 -22.75
N PRO A 7 -16.24 -21.77 -22.70
CA PRO A 7 -17.69 -21.61 -22.81
C PRO A 7 -18.29 -21.14 -21.48
N ARG A 8 -19.43 -20.47 -21.54
CA ARG A 8 -20.12 -19.99 -20.35
C ARG A 8 -20.76 -21.16 -19.56
N THR A 9 -21.21 -22.18 -20.29
CA THR A 9 -21.73 -23.39 -19.66
C THR A 9 -21.17 -24.63 -20.37
N ALA A 10 -21.02 -25.72 -19.63
CA ALA A 10 -20.60 -26.99 -20.23
C ALA A 10 -21.15 -28.20 -19.49
N THR A 11 -21.50 -29.22 -20.26
CA THR A 11 -21.89 -30.50 -19.69
C THR A 11 -20.99 -31.57 -20.30
N LYS A 12 -20.38 -32.38 -19.44
CA LYS A 12 -19.42 -33.40 -19.85
C LYS A 12 -19.75 -34.71 -19.18
N GLU A 13 -19.38 -35.81 -19.83
CA GLU A 13 -19.52 -37.12 -19.23
C GLU A 13 -18.31 -37.35 -18.30
N THR A 14 -18.51 -38.14 -17.25
CA THR A 14 -17.41 -38.60 -16.42
C THR A 14 -16.31 -39.20 -17.31
N GLY A 15 -15.06 -38.81 -17.06
CA GLY A 15 -13.92 -39.40 -17.78
C GLY A 15 -13.41 -38.48 -18.87
N GLU A 16 -14.26 -37.58 -19.33
CA GLU A 16 -13.93 -36.68 -20.43
C GLU A 16 -13.16 -35.46 -19.94
N SER A 17 -12.88 -34.52 -20.83
CA SER A 17 -12.11 -33.34 -20.47
C SER A 17 -12.85 -32.04 -20.84
N LEU A 18 -12.43 -30.92 -20.26
CA LEU A 18 -12.99 -29.61 -20.52
C LEU A 18 -11.85 -28.64 -20.80
N THR A 19 -11.98 -27.89 -21.89
CA THR A 19 -11.09 -26.79 -22.11
C THR A 19 -11.89 -25.50 -21.89
N ILE A 20 -11.34 -24.57 -21.11
CA ILE A 20 -11.91 -23.22 -20.96
C ILE A 20 -10.93 -22.22 -21.58
N ASN A 21 -11.43 -21.33 -22.44
CA ASN A 21 -10.56 -20.30 -23.05
C ASN A 21 -10.87 -18.90 -22.55
N CYS A 22 -9.82 -18.12 -22.27
CA CYS A 22 -9.99 -16.73 -21.84
C CYS A 22 -9.10 -15.82 -22.67
N VAL A 23 -9.65 -14.72 -23.14
CA VAL A 23 -8.80 -13.69 -23.74
C VAL A 23 -9.07 -12.31 -23.11
N LEU A 24 -7.97 -11.61 -22.83
CA LEU A 24 -8.03 -10.26 -22.29
C LEU A 24 -8.27 -9.31 -23.47
N ARG A 25 -9.49 -8.80 -23.57
CA ARG A 25 -9.91 -7.99 -24.71
C ARG A 25 -9.90 -6.51 -24.39
N ASP A 26 -9.71 -5.70 -25.43
CA ASP A 26 -9.82 -4.24 -25.32
C ASP A 26 -8.95 -3.65 -24.20
N ALA A 27 -7.73 -4.17 -24.08
CA ALA A 27 -6.85 -3.82 -22.97
C ALA A 27 -5.59 -3.14 -23.50
N SER A 28 -5.24 -2.03 -22.88
CA SER A 28 -4.08 -1.26 -23.30
C SER A 28 -2.82 -1.85 -22.69
N PHE A 29 -3.01 -2.60 -21.60
CA PHE A 29 -1.92 -3.17 -20.81
C PHE A 29 -1.64 -4.62 -21.22
N GLU A 30 -0.47 -5.11 -20.86
CA GLU A 30 -0.04 -6.46 -21.21
C GLU A 30 -0.51 -7.48 -20.19
N LEU A 31 -0.58 -8.73 -20.62
CA LEU A 31 -0.91 -9.83 -19.72
C LEU A 31 0.36 -10.20 -18.96
N LYS A 32 0.40 -9.90 -17.67
CA LYS A 32 1.58 -10.21 -16.87
C LYS A 32 1.55 -11.60 -16.22
N ASP A 33 0.35 -12.06 -15.85
CA ASP A 33 0.21 -13.36 -15.18
C ASP A 33 -1.25 -13.80 -15.23
N THR A 34 -1.50 -15.04 -14.81
CA THR A 34 -2.84 -15.63 -14.86
C THR A 34 -3.16 -16.40 -13.58
N GLY A 35 -4.47 -16.58 -13.32
CA GLY A 35 -4.97 -17.38 -12.20
C GLY A 35 -6.26 -18.10 -12.55
N TRP A 36 -6.46 -19.27 -11.94
CA TRP A 36 -7.66 -20.06 -12.12
C TRP A 36 -8.26 -20.43 -10.76
N TYR A 37 -9.60 -20.50 -10.73
CA TYR A 37 -10.37 -20.65 -9.51
C TYR A 37 -11.58 -21.51 -9.75
N ARG A 38 -12.08 -22.12 -8.68
CA ARG A 38 -13.36 -22.81 -8.79
C ARG A 38 -14.17 -22.77 -7.50
N THR A 39 -15.48 -22.93 -7.67
CA THR A 39 -16.43 -23.02 -6.58
C THR A 39 -17.21 -24.28 -6.85
N LYS A 40 -17.04 -25.25 -5.96
CA LYS A 40 -17.75 -26.53 -6.04
C LYS A 40 -19.26 -26.30 -6.01
N LEU A 41 -20.00 -27.14 -6.75
CA LEU A 41 -21.45 -27.07 -6.77
C LEU A 41 -21.99 -27.22 -5.34
N GLY A 42 -22.89 -26.34 -4.95
CA GLY A 42 -23.44 -26.35 -3.59
C GLY A 42 -22.55 -25.69 -2.55
N SER A 43 -21.48 -25.05 -3.00
CA SER A 43 -20.60 -24.29 -2.11
C SER A 43 -20.55 -22.82 -2.53
N THR A 44 -20.08 -21.96 -1.62
CA THR A 44 -20.09 -20.52 -1.87
C THR A 44 -18.68 -19.94 -1.95
N ASN A 45 -17.71 -20.65 -1.37
CA ASN A 45 -16.34 -20.16 -1.37
C ASN A 45 -15.49 -20.63 -2.55
N GLU A 46 -14.87 -19.65 -3.19
CA GLU A 46 -13.98 -19.86 -4.32
C GLU A 46 -12.57 -20.25 -3.86
N GLN A 47 -12.06 -21.37 -4.39
CA GLN A 47 -10.69 -21.78 -4.14
C GLN A 47 -9.82 -21.66 -5.39
N SER A 48 -8.51 -21.50 -5.20
CA SER A 48 -7.59 -21.40 -6.33
C SER A 48 -7.31 -22.77 -6.89
N ILE A 49 -6.99 -22.84 -8.18
CA ILE A 49 -6.56 -24.08 -8.80
C ILE A 49 -5.05 -24.07 -9.03
N SER A 50 -4.35 -25.01 -8.40
CA SER A 50 -2.93 -25.25 -8.64
C SER A 50 -2.77 -25.95 -9.99
N ILE A 51 -1.99 -25.33 -10.88
CA ILE A 51 -1.69 -25.93 -12.18
C ILE A 51 -0.79 -27.17 -12.01
N GLY A 52 -1.11 -28.22 -12.74
CA GLY A 52 -0.38 -29.49 -12.63
C GLY A 52 -1.32 -30.67 -12.48
N GLY A 53 -0.82 -31.86 -12.83
CA GLY A 53 -1.63 -33.08 -12.80
C GLY A 53 -2.75 -33.01 -13.82
N ARG A 54 -3.99 -33.07 -13.34
CA ARG A 54 -5.19 -33.00 -14.19
C ARG A 54 -5.43 -31.62 -14.84
N TYR A 55 -4.82 -30.57 -14.29
CA TYR A 55 -5.03 -29.19 -14.77
C TYR A 55 -3.81 -28.70 -15.54
N VAL A 56 -3.94 -28.51 -16.85
CA VAL A 56 -2.85 -28.00 -17.65
C VAL A 56 -3.24 -26.64 -18.24
N GLU A 57 -2.35 -25.67 -18.09
CA GLU A 57 -2.56 -24.33 -18.59
C GLU A 57 -1.72 -24.06 -19.83
N THR A 58 -2.28 -23.28 -20.75
CA THR A 58 -1.59 -22.78 -21.94
C THR A 58 -1.70 -21.25 -21.94
N VAL A 59 -0.56 -20.55 -22.01
CA VAL A 59 -0.55 -19.08 -21.97
C VAL A 59 0.13 -18.50 -23.22
N ASN A 60 -0.56 -17.60 -23.92
CA ASN A 60 0.04 -16.83 -25.04
C ASN A 60 -0.08 -15.35 -24.72
N LYS A 61 1.00 -14.78 -24.21
CA LYS A 61 0.99 -13.38 -23.79
C LYS A 61 0.90 -12.45 -25.00
N GLY A 62 1.40 -12.90 -26.15
CA GLY A 62 1.36 -12.14 -27.39
C GLY A 62 -0.06 -11.78 -27.80
N SER A 63 -0.97 -12.74 -27.66
CA SER A 63 -2.37 -12.53 -27.98
C SER A 63 -3.24 -12.39 -26.74
N LYS A 64 -2.59 -12.25 -25.59
CA LYS A 64 -3.24 -12.07 -24.29
C LYS A 64 -4.31 -13.11 -24.02
N SER A 65 -4.03 -14.35 -24.40
CA SER A 65 -4.99 -15.42 -24.24
C SER A 65 -4.42 -16.55 -23.41
N PHE A 66 -5.31 -17.25 -22.72
CA PHE A 66 -4.90 -18.34 -21.87
C PHE A 66 -6.02 -19.35 -21.70
N SER A 67 -5.62 -20.60 -21.51
CA SER A 67 -6.59 -21.67 -21.43
C SER A 67 -6.24 -22.70 -20.37
N LEU A 68 -7.27 -23.36 -19.86
CA LEU A 68 -7.12 -24.42 -18.89
C LEU A 68 -7.83 -25.63 -19.44
N ARG A 69 -7.15 -26.76 -19.42
CA ARG A 69 -7.76 -28.03 -19.82
C ARG A 69 -7.77 -28.93 -18.60
N ILE A 70 -8.97 -29.36 -18.21
CA ILE A 70 -9.13 -30.25 -17.08
C ILE A 70 -9.48 -31.63 -17.61
N SER A 71 -8.61 -32.61 -17.34
CA SER A 71 -8.82 -33.95 -17.85
C SER A 71 -9.43 -34.90 -16.81
N ASP A 72 -9.89 -36.06 -17.27
CA ASP A 72 -10.46 -37.11 -16.41
C ASP A 72 -11.53 -36.59 -15.43
N LEU A 73 -12.51 -35.85 -15.96
CA LEU A 73 -13.57 -35.23 -15.16
C LEU A 73 -14.38 -36.24 -14.34
N ARG A 74 -14.76 -35.83 -13.14
CA ARG A 74 -15.66 -36.62 -12.28
C ARG A 74 -16.77 -35.71 -11.75
N VAL A 75 -17.80 -36.30 -11.18
CA VAL A 75 -18.98 -35.56 -10.70
C VAL A 75 -18.59 -34.42 -9.76
N GLU A 76 -17.63 -34.71 -8.89
CA GLU A 76 -17.18 -33.76 -7.91
C GLU A 76 -16.46 -32.54 -8.53
N ASP A 77 -16.11 -32.62 -9.82
CA ASP A 77 -15.57 -31.46 -10.56
C ASP A 77 -16.65 -30.43 -10.91
N SER A 78 -17.91 -30.82 -10.80
CA SER A 78 -19.00 -29.92 -11.14
C SER A 78 -18.87 -28.63 -10.32
N GLY A 79 -19.14 -27.50 -10.97
CA GLY A 79 -19.14 -26.22 -10.29
C GLY A 79 -18.85 -25.12 -11.28
N THR A 80 -18.48 -23.95 -10.75
CA THR A 80 -18.16 -22.80 -11.58
C THR A 80 -16.66 -22.51 -11.56
N TYR A 81 -16.10 -22.28 -12.75
CA TYR A 81 -14.68 -22.02 -12.92
C TYR A 81 -14.50 -20.64 -13.49
N LYS A 82 -13.47 -19.93 -13.01
CA LYS A 82 -13.16 -18.59 -13.45
C LYS A 82 -11.67 -18.43 -13.67
N CYS A 83 -11.33 -17.64 -14.69
CA CYS A 83 -9.95 -17.29 -14.95
C CYS A 83 -9.74 -15.84 -14.55
N GLN A 84 -8.49 -15.47 -14.28
CA GLN A 84 -8.14 -14.08 -13.98
C GLN A 84 -6.88 -13.68 -14.70
N ALA A 85 -6.94 -12.53 -15.36
CA ALA A 85 -5.77 -11.94 -16.03
C ALA A 85 -5.17 -10.90 -15.09
N PHE A 86 -3.86 -11.02 -14.82
CA PHE A 86 -3.15 -10.04 -13.97
C PHE A 86 -2.31 -9.07 -14.81
N TYR A 87 -2.20 -7.83 -14.33
CA TYR A 87 -1.51 -6.77 -15.07
C TYR A 87 -1.07 -5.65 -14.13
N VAL A 88 -0.37 -4.65 -14.67
CA VAL A 88 0.06 -3.51 -13.87
C VAL A 88 -0.36 -2.20 -14.54
N PHE A 89 -0.54 -1.17 -13.71
CA PHE A 89 -0.84 0.16 -14.17
C PHE A 89 -0.42 1.20 -13.13
N PHE A 90 -0.19 2.41 -13.59
CA PHE A 90 0.18 3.51 -12.70
C PHE A 90 -1.03 4.04 -11.95
N ALA A 91 -0.76 4.55 -10.76
CA ALA A 91 -1.80 4.93 -9.82
C ALA A 91 -2.83 5.92 -10.42
N GLU A 92 -2.38 6.80 -11.30
CA GLU A 92 -3.28 7.83 -11.87
C GLU A 92 -3.83 7.48 -13.26
N ASP A 93 -3.48 6.30 -13.77
CA ASP A 93 -3.94 5.87 -15.08
C ASP A 93 -5.37 5.31 -14.95
N VAL A 94 -6.36 6.21 -14.98
CA VAL A 94 -7.76 5.82 -14.65
C VAL A 94 -8.36 4.86 -15.66
N GLY A 95 -7.88 4.93 -16.91
CA GLY A 95 -8.32 4.02 -17.97
C GLY A 95 -8.11 2.55 -17.64
N SER A 96 -7.11 2.27 -16.81
CA SER A 96 -6.74 0.89 -16.47
C SER A 96 -7.22 0.39 -15.11
N ASN A 97 -8.00 1.20 -14.36
CA ASN A 97 -8.29 0.90 -12.96
C ASN A 97 -9.61 0.13 -12.61
N LYS A 98 -10.34 -0.35 -13.62
CA LYS A 98 -11.67 -0.96 -13.36
C LYS A 98 -11.61 -2.39 -12.82
N GLY A 99 -10.45 -3.04 -12.92
CA GLY A 99 -10.29 -4.39 -12.31
C GLY A 99 -10.09 -4.34 -10.80
N ALA A 100 -10.03 -5.50 -10.16
CA ALA A 100 -9.74 -5.59 -8.72
C ALA A 100 -8.30 -5.11 -8.46
N ILE A 101 -8.05 -4.55 -7.29
CA ILE A 101 -6.68 -4.22 -6.84
C ILE A 101 -6.09 -5.42 -6.10
N ILE A 102 -4.93 -5.88 -6.56
CA ILE A 102 -4.29 -7.08 -5.99
C ILE A 102 -3.15 -6.68 -5.06
N GLY A 103 -2.48 -5.58 -5.38
CA GLY A 103 -1.41 -5.06 -4.55
C GLY A 103 -0.96 -3.71 -5.04
N LEU A 104 -0.06 -3.09 -4.27
CA LEU A 104 0.56 -1.83 -4.61
C LEU A 104 2.06 -1.95 -4.41
N MET A 105 2.81 -1.69 -5.48
CA MET A 105 4.26 -1.74 -5.48
C MET A 105 4.78 -0.31 -5.32
N VAL A 106 5.83 -0.12 -4.54
CA VAL A 106 6.40 1.22 -4.40
C VAL A 106 6.97 1.71 -5.73
N GLY A 107 6.74 2.98 -6.03
CA GLY A 107 7.00 3.56 -7.36
C GLY A 107 5.67 3.84 -8.06
N GLY A 108 4.57 3.73 -7.32
CA GLY A 108 3.23 4.05 -7.84
C GLY A 108 2.66 3.02 -8.81
N VAL A 109 3.06 1.77 -8.70
CA VAL A 109 2.57 0.75 -9.63
C VAL A 109 1.54 -0.13 -8.94
N VAL A 110 0.34 -0.18 -9.48
CA VAL A 110 -0.70 -1.02 -8.91
C VAL A 110 -0.84 -2.33 -9.68
N ILE A 111 -1.05 -3.40 -8.94
CA ILE A 111 -1.25 -4.72 -9.55
C ILE A 111 -2.77 -4.91 -9.69
N GLY A 112 -3.24 -5.11 -10.91
CA GLY A 112 -4.68 -5.24 -11.20
C GLY A 112 -5.09 -6.63 -11.66
N GLY A 113 -6.36 -6.98 -11.53
CA GLY A 113 -6.85 -8.29 -11.98
C GLY A 113 -8.23 -8.17 -12.62
N GLU A 114 -8.41 -8.81 -13.77
CA GLU A 114 -9.75 -8.89 -14.41
C GLU A 114 -10.16 -10.34 -14.55
N LYS A 115 -11.34 -10.69 -13.99
CA LYS A 115 -11.89 -12.04 -14.06
C LYS A 115 -12.89 -12.26 -15.21
N GLY A 116 -12.85 -13.46 -15.80
CA GLY A 116 -13.90 -13.89 -16.71
C GLY A 116 -15.24 -14.07 -16.01
N ALA A 117 -16.30 -14.12 -16.81
CA ALA A 117 -17.66 -14.23 -16.29
C ALA A 117 -17.98 -15.62 -15.70
N GLY A 118 -17.14 -16.61 -15.96
CA GLY A 118 -17.38 -17.94 -15.38
C GLY A 118 -17.79 -19.00 -16.39
N THR A 119 -17.50 -20.25 -16.06
CA THR A 119 -17.94 -21.41 -16.81
C THR A 119 -18.66 -22.31 -15.81
N ALA A 120 -19.96 -22.55 -15.99
CA ALA A 120 -20.69 -23.50 -15.15
C ALA A 120 -20.57 -24.91 -15.73
N LEU A 121 -19.78 -25.75 -15.06
CA LEU A 121 -19.58 -27.14 -15.51
C LEU A 121 -20.51 -28.15 -14.81
N THR A 122 -21.18 -28.98 -15.60
CA THR A 122 -21.92 -30.13 -15.08
C THR A 122 -21.27 -31.39 -15.65
N VAL A 123 -20.74 -32.22 -14.76
CA VAL A 123 -20.26 -33.51 -15.19
C VAL A 123 -21.20 -34.61 -14.69
N LYS A 124 -21.66 -35.43 -15.63
CA LYS A 124 -22.70 -36.43 -15.39
C LYS A 124 -22.09 -37.67 -14.75
N ALA A 125 -22.91 -38.43 -14.03
CA ALA A 125 -22.48 -39.69 -13.42
C ALA A 125 -22.02 -40.67 -14.49
N ALA A 126 -21.14 -41.61 -14.12
CA ALA A 126 -20.73 -42.71 -15.03
C ALA A 126 -21.90 -43.62 -15.41
N ALA B 1 11.40 1.16 17.76
CA ALA B 1 10.45 2.21 18.27
C ALA B 1 9.39 1.59 19.17
N TRP B 2 9.10 2.29 20.27
CA TRP B 2 8.05 1.84 21.17
C TRP B 2 7.32 3.03 21.80
N VAL B 3 6.11 2.77 22.27
CA VAL B 3 5.30 3.78 22.97
C VAL B 3 5.30 3.51 24.47
N ASP B 4 5.80 4.48 25.22
CA ASP B 4 5.95 4.41 26.66
C ASP B 4 4.71 5.00 27.36
N GLN B 5 3.79 4.11 27.75
CA GLN B 5 2.54 4.50 28.41
C GLN B 5 2.64 4.38 29.92
N THR B 6 2.29 5.46 30.62
CA THR B 6 2.30 5.54 32.07
C THR B 6 1.03 6.24 32.60
N PRO B 7 0.53 5.81 33.77
CA PRO B 7 1.01 4.72 34.60
C PRO B 7 0.49 3.38 34.08
N ARG B 8 1.18 2.28 34.37
CA ARG B 8 0.69 0.96 33.95
C ARG B 8 -0.57 0.53 34.73
N THR B 9 -0.65 0.95 35.99
CA THR B 9 -1.77 0.68 36.89
C THR B 9 -2.25 1.98 37.57
N ALA B 10 -3.54 2.07 37.84
CA ALA B 10 -4.10 3.20 38.58
C ALA B 10 -5.29 2.76 39.43
N THR B 11 -5.37 3.32 40.62
CA THR B 11 -6.55 3.13 41.46
C THR B 11 -7.04 4.50 41.94
N LYS B 12 -8.29 4.80 41.61
CA LYS B 12 -8.84 6.12 41.82
C LYS B 12 -10.18 6.00 42.51
N GLU B 13 -10.55 7.10 43.15
CA GLU B 13 -11.80 7.18 43.86
C GLU B 13 -12.80 7.89 42.94
N THR B 14 -14.06 7.51 43.02
CA THR B 14 -15.10 8.13 42.19
C THR B 14 -15.05 9.64 42.28
N GLY B 15 -15.16 10.30 41.14
CA GLY B 15 -15.14 11.76 41.09
C GLY B 15 -13.77 12.32 40.79
N GLU B 16 -12.73 11.53 41.00
CA GLU B 16 -11.37 11.96 40.66
C GLU B 16 -11.08 11.92 39.15
N SER B 17 -9.84 12.22 38.81
CA SER B 17 -9.40 12.20 37.42
C SER B 17 -8.13 11.36 37.26
N LEU B 18 -7.85 10.95 36.03
CA LEU B 18 -6.64 10.20 35.71
C LEU B 18 -6.01 10.85 34.49
N THR B 19 -4.69 11.03 34.50
CA THR B 19 -3.95 11.42 33.31
C THR B 19 -3.09 10.22 32.90
N ILE B 20 -3.17 9.83 31.63
CA ILE B 20 -2.33 8.80 31.08
C ILE B 20 -1.38 9.49 30.10
N ASN B 21 -0.09 9.20 30.22
CA ASN B 21 0.89 9.80 29.32
C ASN B 21 1.52 8.76 28.41
N CYS B 22 1.68 9.14 27.14
CA CYS B 22 2.34 8.31 26.15
C CYS B 22 3.44 9.08 25.42
N VAL B 23 4.58 8.42 25.24
CA VAL B 23 5.73 9.01 24.57
C VAL B 23 6.20 8.00 23.53
N LEU B 24 6.34 8.46 22.28
CA LEU B 24 6.93 7.67 21.21
C LEU B 24 8.44 7.68 21.35
N ARG B 25 9.02 6.56 21.77
CA ARG B 25 10.45 6.48 22.11
C ARG B 25 11.30 5.71 21.08
N ASP B 26 12.61 6.00 21.08
CA ASP B 26 13.58 5.36 20.19
C ASP B 26 13.06 5.33 18.73
N ALA B 27 12.67 6.49 18.22
CA ALA B 27 12.13 6.58 16.88
C ALA B 27 12.78 7.70 16.08
N SER B 28 13.01 7.44 14.80
CA SER B 28 13.59 8.44 13.89
C SER B 28 12.50 9.31 13.28
N PHE B 29 11.27 8.83 13.33
CA PHE B 29 10.13 9.54 12.73
C PHE B 29 9.39 10.40 13.76
N GLU B 30 8.58 11.33 13.25
CA GLU B 30 7.79 12.22 14.10
C GLU B 30 6.43 11.60 14.47
N LEU B 31 5.76 12.20 15.45
CA LEU B 31 4.42 11.77 15.83
C LEU B 31 3.41 12.45 14.89
N LYS B 32 2.71 11.67 14.06
CA LYS B 32 1.73 12.23 13.13
C LYS B 32 0.29 12.34 13.64
N ASP B 33 -0.25 11.23 14.15
CA ASP B 33 -1.60 11.18 14.73
C ASP B 33 -1.66 10.24 15.95
N THR B 34 -2.78 10.25 16.65
CA THR B 34 -2.93 9.47 17.88
C THR B 34 -4.32 8.88 17.97
N GLY B 35 -4.44 7.82 18.77
CA GLY B 35 -5.72 7.21 19.12
C GLY B 35 -5.76 6.70 20.55
N TRP B 36 -6.97 6.57 21.09
CA TRP B 36 -7.18 6.05 22.45
C TRP B 36 -8.31 5.03 22.46
N TYR B 37 -8.13 3.95 23.24
CA TYR B 37 -9.07 2.83 23.29
C TYR B 37 -9.30 2.40 24.74
N ARG B 38 -10.45 1.76 24.98
CA ARG B 38 -10.78 1.23 26.29
C ARG B 38 -11.46 -0.15 26.19
N THR B 39 -11.05 -1.03 27.07
CA THR B 39 -11.76 -2.29 27.32
C THR B 39 -12.21 -2.22 28.75
N LYS B 40 -13.53 -2.20 28.96
CA LYS B 40 -14.10 -2.10 30.29
C LYS B 40 -13.82 -3.36 31.11
N LEU B 41 -13.62 -3.19 32.41
CA LEU B 41 -13.22 -4.27 33.29
C LEU B 41 -14.25 -5.40 33.24
N GLY B 42 -13.79 -6.58 32.82
CA GLY B 42 -14.67 -7.76 32.69
C GLY B 42 -14.91 -8.21 31.26
N SER B 43 -14.57 -7.35 30.29
CA SER B 43 -14.76 -7.68 28.87
C SER B 43 -13.40 -7.76 28.15
N THR B 44 -13.38 -8.33 26.95
CA THR B 44 -12.21 -8.27 26.06
C THR B 44 -12.45 -7.22 24.99
N ASN B 45 -13.63 -6.62 25.04
CA ASN B 45 -14.18 -5.87 23.93
C ASN B 45 -13.80 -4.39 23.91
N GLU B 46 -12.74 -4.11 23.16
CA GLU B 46 -12.17 -2.78 23.04
C GLU B 46 -13.10 -1.84 22.26
N GLN B 47 -13.07 -0.57 22.64
CA GLN B 47 -13.84 0.50 22.01
C GLN B 47 -12.88 1.68 21.89
N SER B 48 -12.94 2.41 20.79
CA SER B 48 -12.18 3.65 20.71
C SER B 48 -12.84 4.69 21.59
N ILE B 49 -12.02 5.51 22.23
CA ILE B 49 -12.52 6.61 23.02
C ILE B 49 -12.70 7.82 22.10
N SER B 50 -13.88 8.42 22.11
CA SER B 50 -14.03 9.72 21.41
C SER B 50 -13.70 10.90 22.32
N ILE B 51 -12.75 11.71 21.85
CA ILE B 51 -12.23 12.87 22.58
C ILE B 51 -13.27 13.98 22.65
N GLY B 52 -13.41 14.55 23.84
CA GLY B 52 -14.43 15.54 24.09
C GLY B 52 -15.05 15.38 25.48
N GLY B 53 -15.57 16.49 26.00
CA GLY B 53 -16.19 16.52 27.32
C GLY B 53 -15.18 16.19 28.40
N ARG B 54 -15.42 15.10 29.12
CA ARG B 54 -14.56 14.73 30.24
C ARG B 54 -13.29 14.00 29.80
N TYR B 55 -13.20 13.69 28.51
CA TYR B 55 -12.01 13.10 27.89
C TYR B 55 -11.28 14.20 27.14
N VAL B 56 -10.18 14.70 27.69
CA VAL B 56 -9.38 15.70 27.00
C VAL B 56 -7.96 15.23 26.64
N GLU B 57 -7.62 15.32 25.36
CA GLU B 57 -6.31 14.93 24.86
C GLU B 57 -5.42 16.14 24.62
N THR B 58 -4.15 16.01 24.97
CA THR B 58 -3.12 17.02 24.71
C THR B 58 -1.99 16.37 23.92
N VAL B 59 -1.65 16.96 22.78
CA VAL B 59 -0.59 16.44 21.93
C VAL B 59 0.58 17.44 21.84
N ASN B 60 1.78 16.93 22.04
CA ASN B 60 3.01 17.73 22.01
C ASN B 60 3.94 17.08 21.01
N LYS B 61 3.88 17.51 19.75
CA LYS B 61 4.69 16.87 18.69
C LYS B 61 6.20 17.10 18.79
N GLY B 62 6.60 18.19 19.42
CA GLY B 62 8.02 18.50 19.64
C GLY B 62 8.72 17.52 20.57
N SER B 63 7.99 16.97 21.54
CA SER B 63 8.54 15.95 22.42
C SER B 63 7.97 14.55 22.15
N LYS B 64 7.26 14.43 21.02
CA LYS B 64 6.62 13.18 20.56
C LYS B 64 5.69 12.54 21.62
N SER B 65 5.08 13.37 22.45
CA SER B 65 4.20 12.85 23.49
C SER B 65 2.76 13.36 23.42
N PHE B 66 1.87 12.63 24.10
CA PHE B 66 0.45 12.91 24.10
C PHE B 66 -0.20 12.25 25.31
N SER B 67 -1.23 12.90 25.82
CA SER B 67 -1.86 12.44 27.02
C SER B 67 -3.37 12.48 26.90
N LEU B 68 -4.02 11.70 27.77
CA LEU B 68 -5.45 11.68 27.90
C LEU B 68 -5.74 11.92 29.36
N ARG B 69 -6.52 12.96 29.64
CA ARG B 69 -7.04 13.19 30.98
C ARG B 69 -8.53 12.89 30.98
N ILE B 70 -8.92 11.98 31.87
CA ILE B 70 -10.31 11.61 32.09
C ILE B 70 -10.70 12.15 33.46
N SER B 71 -11.68 13.05 33.49
CA SER B 71 -12.18 13.60 34.74
C SER B 71 -13.53 13.01 35.15
N ASP B 72 -13.93 13.27 36.38
CA ASP B 72 -15.22 12.79 36.91
C ASP B 72 -15.40 11.26 36.78
N LEU B 73 -14.38 10.51 37.22
CA LEU B 73 -14.37 9.05 37.10
C LEU B 73 -15.52 8.39 37.87
N ARG B 74 -16.09 7.33 37.29
CA ARG B 74 -17.11 6.48 37.95
C ARG B 74 -16.65 5.03 37.94
N VAL B 75 -17.25 4.19 38.79
CA VAL B 75 -16.93 2.76 38.82
C VAL B 75 -16.94 2.14 37.42
N GLU B 76 -17.92 2.54 36.61
CA GLU B 76 -18.09 2.03 35.24
C GLU B 76 -16.90 2.36 34.31
N ASP B 77 -16.05 3.32 34.70
CA ASP B 77 -14.82 3.62 33.95
C ASP B 77 -13.68 2.61 34.15
N SER B 78 -13.83 1.69 35.09
CA SER B 78 -12.77 0.70 35.34
C SER B 78 -12.52 -0.08 34.06
N GLY B 79 -11.25 -0.21 33.70
CA GLY B 79 -10.90 -0.90 32.46
C GLY B 79 -9.44 -0.70 32.08
N THR B 80 -9.06 -1.32 30.96
CA THR B 80 -7.72 -1.18 30.40
C THR B 80 -7.78 -0.12 29.31
N TYR B 81 -6.98 0.92 29.47
CA TYR B 81 -6.90 2.03 28.53
C TYR B 81 -5.62 1.91 27.75
N LYS B 82 -5.70 2.12 26.44
CA LYS B 82 -4.52 2.07 25.58
C LYS B 82 -4.45 3.28 24.64
N CYS B 83 -3.24 3.81 24.49
CA CYS B 83 -2.96 4.82 23.48
C CYS B 83 -2.32 4.19 22.26
N GLN B 84 -2.41 4.89 21.13
CA GLN B 84 -1.70 4.48 19.93
C GLN B 84 -1.12 5.70 19.22
N ALA B 85 0.16 5.57 18.83
CA ALA B 85 0.83 6.58 18.05
C ALA B 85 0.80 6.19 16.58
N PHE B 86 0.45 7.15 15.72
CA PHE B 86 0.52 6.94 14.28
C PHE B 86 1.64 7.78 13.72
N TYR B 87 2.35 7.20 12.75
CA TYR B 87 3.55 7.81 12.20
C TYR B 87 3.81 7.38 10.76
N VAL B 88 4.77 8.06 10.14
CA VAL B 88 5.06 7.92 8.73
C VAL B 88 6.57 7.78 8.50
N PHE B 89 6.94 6.86 7.62
CA PHE B 89 8.33 6.68 7.20
C PHE B 89 8.39 6.22 5.75
N PHE B 90 9.55 6.44 5.12
CA PHE B 90 9.70 6.13 3.72
C PHE B 90 9.99 4.64 3.52
N ALA B 91 9.40 4.08 2.46
CA ALA B 91 9.55 2.67 2.09
C ALA B 91 11.01 2.26 1.86
N GLU B 92 11.78 3.13 1.21
CA GLU B 92 13.16 2.79 0.87
C GLU B 92 14.15 2.86 2.04
N ASP B 93 13.70 3.29 3.21
CA ASP B 93 14.59 3.32 4.38
C ASP B 93 15.00 1.90 4.78
N VAL B 94 16.25 1.78 5.22
CA VAL B 94 16.80 0.49 5.65
C VAL B 94 17.43 0.66 7.04
N GLY B 95 17.73 -0.45 7.70
CA GLY B 95 18.48 -0.44 8.97
C GLY B 95 17.72 0.05 10.19
N SER B 96 16.40 0.15 10.08
CA SER B 96 15.58 0.63 11.20
C SER B 96 14.28 -0.15 11.34
N ASN B 97 13.73 -0.11 12.55
CA ASN B 97 12.41 -0.64 12.87
C ASN B 97 11.33 -0.38 11.81
N LYS B 98 10.44 -1.35 11.64
CA LYS B 98 9.26 -1.16 10.81
C LYS B 98 8.08 -0.93 11.75
N GLY B 99 8.00 -1.76 12.79
CA GLY B 99 6.83 -1.82 13.67
C GLY B 99 5.68 -2.45 12.90
N ALA B 100 4.45 -2.21 13.35
CA ALA B 100 3.26 -2.66 12.62
C ALA B 100 2.97 -1.69 11.49
N ILE B 101 2.96 -2.18 10.26
CA ILE B 101 2.58 -1.31 9.16
C ILE B 101 1.06 -1.31 8.95
N ILE B 102 0.51 -0.09 8.88
CA ILE B 102 -0.93 0.17 8.73
C ILE B 102 -1.34 0.24 7.24
N GLY B 103 -0.47 0.82 6.43
CA GLY B 103 -0.74 0.92 4.99
C GLY B 103 0.44 1.45 4.22
N LEU B 104 0.33 1.45 2.89
CA LEU B 104 1.33 2.00 2.00
C LEU B 104 0.64 3.07 1.14
N MET B 105 1.16 4.28 1.15
CA MET B 105 0.66 5.39 0.33
C MET B 105 1.47 5.52 -0.93
N VAL B 106 0.81 5.76 -2.05
CA VAL B 106 1.52 6.07 -3.29
C VAL B 106 2.45 7.28 -3.04
N GLY B 107 3.68 7.19 -3.56
CA GLY B 107 4.74 8.16 -3.24
C GLY B 107 5.79 7.64 -2.28
N GLY B 108 5.60 6.42 -1.76
CA GLY B 108 6.66 5.72 -1.00
C GLY B 108 6.56 5.89 0.51
N VAL B 109 5.41 6.38 0.97
CA VAL B 109 5.21 6.66 2.37
C VAL B 109 4.47 5.50 3.03
N VAL B 110 5.10 4.89 4.02
CA VAL B 110 4.41 3.84 4.77
C VAL B 110 3.88 4.35 6.11
N ILE B 111 2.68 3.91 6.46
CA ILE B 111 2.04 4.32 7.70
C ILE B 111 2.23 3.21 8.71
N GLY B 112 2.74 3.59 9.87
CA GLY B 112 2.91 2.69 10.99
C GLY B 112 2.11 3.17 12.18
N GLY B 113 1.94 2.26 13.14
CA GLY B 113 1.28 2.52 14.40
C GLY B 113 1.92 1.68 15.49
N GLU B 114 2.06 2.26 16.68
CA GLU B 114 2.53 1.53 17.86
C GLU B 114 1.62 1.83 19.04
N LYS B 115 1.18 0.78 19.73
CA LYS B 115 0.35 0.88 20.94
C LYS B 115 1.18 0.87 22.24
N GLY B 116 0.77 1.69 23.21
CA GLY B 116 1.32 1.63 24.56
C GLY B 116 0.88 0.34 25.24
N ALA B 117 1.52 0.00 26.35
CA ALA B 117 1.29 -1.30 26.98
C ALA B 117 0.00 -1.37 27.82
N GLY B 118 -0.63 -0.21 28.04
CA GLY B 118 -1.92 -0.16 28.72
C GLY B 118 -1.86 0.37 30.15
N THR B 119 -3.01 0.88 30.61
CA THR B 119 -3.18 1.36 31.96
C THR B 119 -4.39 0.60 32.50
N ALA B 120 -4.17 -0.23 33.52
CA ALA B 120 -5.25 -0.94 34.18
C ALA B 120 -5.82 -0.02 35.27
N LEU B 121 -6.95 0.63 34.97
CA LEU B 121 -7.60 1.55 35.91
C LEU B 121 -8.72 0.86 36.68
N THR B 122 -8.65 0.91 38.00
CA THR B 122 -9.82 0.54 38.81
C THR B 122 -10.36 1.79 39.54
N VAL B 123 -11.65 2.05 39.37
CA VAL B 123 -12.29 3.16 40.06
C VAL B 123 -13.14 2.63 41.22
N LYS B 124 -12.91 3.16 42.43
CA LYS B 124 -13.55 2.67 43.66
C LYS B 124 -14.37 3.77 44.39
N ALA B 125 -15.52 3.39 44.93
CA ALA B 125 -16.31 4.30 45.79
C ALA B 125 -15.51 4.74 47.01
N ALA B 126 -15.68 6.02 47.40
CA ALA B 126 -14.96 6.63 48.54
C ALA B 126 -15.07 5.84 49.83
N ALA C 1 -15.72 8.78 -12.06
CA ALA C 1 -16.30 9.93 -11.29
C ALA C 1 -15.48 11.18 -11.58
N TRP C 2 -15.99 12.34 -11.15
CA TRP C 2 -15.26 13.59 -11.29
C TRP C 2 -15.68 14.57 -10.22
N VAL C 3 -14.78 15.50 -9.89
CA VAL C 3 -15.13 16.60 -8.99
C VAL C 3 -15.41 17.83 -9.83
N ASP C 4 -16.59 18.41 -9.60
CA ASP C 4 -17.10 19.59 -10.27
C ASP C 4 -16.76 20.77 -9.36
N GLN C 5 -15.66 21.46 -9.65
CA GLN C 5 -15.22 22.59 -8.84
C GLN C 5 -15.65 23.90 -9.51
N THR C 6 -16.36 24.76 -8.78
CA THR C 6 -16.80 26.06 -9.26
C THR C 6 -16.51 27.13 -8.20
N PRO C 7 -16.16 28.38 -8.63
CA PRO C 7 -16.01 28.81 -10.02
C PRO C 7 -14.62 28.48 -10.56
N ARG C 8 -14.50 28.43 -11.88
CA ARG C 8 -13.24 28.13 -12.49
C ARG C 8 -12.30 29.33 -12.40
N THR C 9 -12.88 30.52 -12.41
CA THR C 9 -12.10 31.74 -12.26
C THR C 9 -12.78 32.68 -11.29
N ALA C 10 -11.98 33.45 -10.56
CA ALA C 10 -12.54 34.47 -9.68
C ALA C 10 -11.66 35.70 -9.68
N THR C 11 -12.30 36.86 -9.79
CA THR C 11 -11.60 38.14 -9.80
C THR C 11 -12.22 38.93 -8.66
N LYS C 12 -11.49 39.02 -7.56
CA LYS C 12 -12.03 39.61 -6.33
C LYS C 12 -11.24 40.85 -5.95
N GLU C 13 -11.88 41.69 -5.13
CA GLU C 13 -11.24 42.84 -4.53
C GLU C 13 -10.80 42.50 -3.12
N THR C 14 -9.76 43.18 -2.64
CA THR C 14 -9.35 43.01 -1.26
C THR C 14 -10.58 43.30 -0.37
N GLY C 15 -10.79 42.47 0.65
CA GLY C 15 -11.97 42.63 1.52
C GLY C 15 -13.17 41.76 1.18
N GLU C 16 -13.29 41.32 -0.07
CA GLU C 16 -14.37 40.39 -0.47
C GLU C 16 -14.10 38.99 0.06
N SER C 17 -15.07 38.11 -0.09
CA SER C 17 -14.89 36.70 0.21
C SER C 17 -15.00 35.88 -1.06
N LEU C 18 -14.51 34.64 -0.98
CA LEU C 18 -14.65 33.68 -2.05
C LEU C 18 -15.12 32.34 -1.48
N THR C 19 -16.13 31.75 -2.11
CA THR C 19 -16.57 30.39 -1.81
C THR C 19 -16.31 29.53 -3.03
N ILE C 20 -15.51 28.48 -2.84
CA ILE C 20 -15.34 27.48 -3.88
C ILE C 20 -16.21 26.30 -3.52
N ASN C 21 -17.05 25.86 -4.46
CA ASN C 21 -17.82 24.62 -4.26
C ASN C 21 -17.26 23.46 -5.04
N CYS C 22 -17.26 22.29 -4.42
CA CYS C 22 -16.82 21.05 -5.07
C CYS C 22 -17.83 19.94 -4.81
N VAL C 23 -18.18 19.21 -5.85
CA VAL C 23 -19.07 18.07 -5.68
C VAL C 23 -18.52 16.86 -6.41
N LEU C 24 -18.49 15.74 -5.70
CA LEU C 24 -18.06 14.48 -6.23
C LEU C 24 -19.24 13.94 -7.02
N ARG C 25 -19.11 13.92 -8.35
CA ARG C 25 -20.21 13.51 -9.22
C ARG C 25 -19.97 12.12 -9.83
N ASP C 26 -21.06 11.37 -9.95
CA ASP C 26 -21.09 10.03 -10.58
C ASP C 26 -20.12 9.02 -9.97
N ALA C 27 -20.04 9.04 -8.64
CA ALA C 27 -19.13 8.14 -7.93
C ALA C 27 -19.89 7.00 -7.30
N SER C 28 -19.33 5.80 -7.35
CA SER C 28 -19.91 4.64 -6.68
C SER C 28 -19.53 4.61 -5.20
N PHE C 29 -18.69 5.56 -4.77
CA PHE C 29 -18.21 5.61 -3.40
C PHE C 29 -18.73 6.82 -2.62
N GLU C 30 -18.82 6.66 -1.30
CA GLU C 30 -19.15 7.75 -0.37
C GLU C 30 -17.97 8.67 -0.14
N LEU C 31 -18.24 9.97 0.00
CA LEU C 31 -17.22 10.95 0.33
C LEU C 31 -16.70 10.70 1.75
N LYS C 32 -15.39 10.50 1.91
CA LYS C 32 -14.83 10.15 3.23
C LYS C 32 -14.00 11.29 3.85
N ASP C 33 -13.13 11.90 3.04
CA ASP C 33 -12.29 13.01 3.51
C ASP C 33 -12.13 14.01 2.36
N THR C 34 -11.58 15.18 2.69
CA THR C 34 -11.41 16.27 1.74
C THR C 34 -10.07 16.94 2.00
N GLY C 35 -9.45 17.49 0.95
CA GLY C 35 -8.29 18.34 1.11
C GLY C 35 -8.37 19.53 0.19
N TRP C 36 -7.66 20.61 0.54
CA TRP C 36 -7.57 21.81 -0.27
C TRP C 36 -6.12 22.23 -0.44
N TYR C 37 -5.79 22.68 -1.65
CA TYR C 37 -4.42 23.00 -2.04
C TYR C 37 -4.41 24.32 -2.80
N ARG C 38 -3.30 25.04 -2.69
CA ARG C 38 -3.14 26.26 -3.44
C ARG C 38 -1.74 26.35 -4.04
N THR C 39 -1.67 26.84 -5.28
CA THR C 39 -0.41 27.26 -5.89
C THR C 39 -0.49 28.77 -5.99
N LYS C 40 0.36 29.45 -5.23
CA LYS C 40 0.43 30.91 -5.22
C LYS C 40 0.83 31.45 -6.58
N LEU C 41 0.29 32.62 -6.91
CA LEU C 41 0.55 33.25 -8.21
C LEU C 41 2.04 33.57 -8.31
N GLY C 42 2.68 33.09 -9.36
CA GLY C 42 4.12 33.24 -9.53
C GLY C 42 4.93 32.09 -8.97
N SER C 43 4.24 31.04 -8.53
CA SER C 43 4.86 29.82 -8.04
C SER C 43 4.31 28.64 -8.82
N THR C 44 4.98 27.49 -8.72
CA THR C 44 4.50 26.21 -9.27
C THR C 44 4.44 25.17 -8.14
N ASN C 45 4.72 25.64 -6.93
CA ASN C 45 4.70 24.80 -5.74
C ASN C 45 3.29 24.69 -5.12
N GLU C 46 2.73 23.49 -5.12
CA GLU C 46 1.40 23.29 -4.54
C GLU C 46 1.47 23.08 -3.05
N GLN C 47 0.71 23.88 -2.30
CA GLN C 47 0.73 23.82 -0.84
C GLN C 47 -0.64 23.56 -0.22
N SER C 48 -0.64 22.79 0.87
CA SER C 48 -1.87 22.43 1.56
C SER C 48 -2.44 23.63 2.29
N ILE C 49 -3.77 23.77 2.22
CA ILE C 49 -4.48 24.82 2.95
C ILE C 49 -4.92 24.25 4.29
N SER C 50 -4.60 24.97 5.36
CA SER C 50 -5.07 24.63 6.70
C SER C 50 -6.39 25.35 6.95
N ILE C 51 -7.38 24.59 7.40
CA ILE C 51 -8.72 25.10 7.70
C ILE C 51 -8.72 25.79 9.06
N GLY C 52 -9.34 26.96 9.15
CA GLY C 52 -9.41 27.72 10.40
C GLY C 52 -9.29 29.21 10.12
N GLY C 53 -9.76 30.05 11.06
CA GLY C 53 -9.70 31.51 10.91
C GLY C 53 -10.46 31.96 9.67
N ARG C 54 -9.77 32.65 8.76
CA ARG C 54 -10.33 33.14 7.49
C ARG C 54 -10.81 32.01 6.56
N TYR C 55 -10.30 30.79 6.74
CA TYR C 55 -10.62 29.63 5.90
C TYR C 55 -11.63 28.73 6.60
N VAL C 56 -12.82 28.60 6.00
CA VAL C 56 -13.90 27.85 6.63
C VAL C 56 -14.39 26.76 5.66
N GLU C 57 -14.30 25.51 6.07
CA GLU C 57 -14.76 24.39 5.24
C GLU C 57 -16.13 23.89 5.70
N THR C 58 -17.00 23.60 4.73
CA THR C 58 -18.29 22.99 5.03
C THR C 58 -18.39 21.69 4.22
N VAL C 59 -18.66 20.59 4.91
CA VAL C 59 -18.71 19.29 4.24
C VAL C 59 -20.11 18.73 4.36
N ASN C 60 -20.69 18.33 3.23
CA ASN C 60 -21.98 17.65 3.22
C ASN C 60 -21.85 16.26 2.61
N LYS C 61 -21.62 15.28 3.48
CA LYS C 61 -21.47 13.90 3.02
C LYS C 61 -22.68 13.37 2.24
N GLY C 62 -23.89 13.73 2.67
CA GLY C 62 -25.11 13.28 2.01
C GLY C 62 -25.20 13.67 0.54
N SER C 63 -24.84 14.90 0.23
CA SER C 63 -24.78 15.36 -1.17
C SER C 63 -23.38 15.24 -1.80
N LYS C 64 -22.46 14.56 -1.11
CA LYS C 64 -21.07 14.41 -1.55
C LYS C 64 -20.48 15.74 -2.02
N SER C 65 -20.70 16.79 -1.26
CA SER C 65 -20.18 18.10 -1.61
C SER C 65 -19.50 18.77 -0.43
N PHE C 66 -18.63 19.71 -0.75
CA PHE C 66 -17.85 20.42 0.25
C PHE C 66 -17.42 21.78 -0.29
N SER C 67 -17.25 22.76 0.59
CA SER C 67 -16.85 24.08 0.11
C SER C 67 -15.79 24.67 0.99
N LEU C 68 -15.08 25.63 0.42
CA LEU C 68 -14.12 26.42 1.14
C LEU C 68 -14.54 27.86 0.99
N ARG C 69 -14.71 28.54 2.11
CA ARG C 69 -14.97 29.97 2.09
C ARG C 69 -13.78 30.69 2.68
N ILE C 70 -13.21 31.60 1.89
CA ILE C 70 -12.10 32.41 2.35
C ILE C 70 -12.60 33.84 2.55
N SER C 71 -12.57 34.31 3.79
CA SER C 71 -13.07 35.65 4.13
C SER C 71 -11.97 36.70 4.08
N ASP C 72 -12.40 37.95 3.87
CA ASP C 72 -11.53 39.14 3.92
C ASP C 72 -10.25 38.93 3.10
N LEU C 73 -10.42 38.69 1.80
CA LEU C 73 -9.32 38.38 0.89
C LEU C 73 -8.24 39.49 0.83
N ARG C 74 -6.99 39.07 0.71
CA ARG C 74 -5.90 40.01 0.50
C ARG C 74 -5.12 39.62 -0.75
N VAL C 75 -4.29 40.53 -1.26
CA VAL C 75 -3.62 40.27 -2.54
C VAL C 75 -2.82 38.97 -2.47
N GLU C 76 -2.27 38.67 -1.28
CA GLU C 76 -1.43 37.48 -1.11
C GLU C 76 -2.20 36.14 -1.12
N ASP C 77 -3.53 36.21 -1.09
CA ASP C 77 -4.38 35.04 -1.31
C ASP C 77 -4.43 34.62 -2.78
N SER C 78 -3.97 35.47 -3.70
CA SER C 78 -4.00 35.16 -5.14
C SER C 78 -3.31 33.85 -5.49
N GLY C 79 -3.85 33.13 -6.48
CA GLY C 79 -3.33 31.82 -6.86
C GLY C 79 -4.40 30.83 -7.28
N THR C 80 -4.00 29.60 -7.59
CA THR C 80 -4.95 28.60 -8.06
C THR C 80 -5.26 27.57 -6.97
N TYR C 81 -6.54 27.42 -6.67
CA TYR C 81 -7.02 26.57 -5.60
C TYR C 81 -7.57 25.26 -6.17
N LYS C 82 -7.29 24.16 -5.50
CA LYS C 82 -7.85 22.87 -5.87
C LYS C 82 -8.40 22.15 -4.68
N CYS C 83 -9.51 21.46 -4.89
CA CYS C 83 -10.08 20.62 -3.87
C CYS C 83 -9.82 19.18 -4.28
N GLN C 84 -9.81 18.30 -3.29
CA GLN C 84 -9.73 16.87 -3.54
C GLN C 84 -10.71 16.12 -2.66
N ALA C 85 -11.46 15.22 -3.30
CA ALA C 85 -12.36 14.32 -2.60
C ALA C 85 -11.67 12.97 -2.43
N PHE C 86 -11.66 12.44 -1.21
CA PHE C 86 -11.11 11.14 -0.89
C PHE C 86 -12.23 10.18 -0.49
N TYR C 87 -12.08 8.90 -0.86
CA TYR C 87 -13.07 7.87 -0.55
C TYR C 87 -12.36 6.52 -0.42
N VAL C 88 -13.04 5.57 0.22
CA VAL C 88 -12.47 4.27 0.48
C VAL C 88 -13.36 3.17 -0.08
N PHE C 89 -12.76 2.06 -0.47
CA PHE C 89 -13.51 0.90 -0.97
C PHE C 89 -12.68 -0.35 -0.80
N PHE C 90 -13.35 -1.49 -0.73
CA PHE C 90 -12.62 -2.75 -0.73
C PHE C 90 -11.88 -2.95 -2.03
N ALA C 91 -10.69 -3.54 -1.94
CA ALA C 91 -9.80 -3.80 -3.09
C ALA C 91 -10.48 -4.56 -4.23
N GLU C 92 -11.48 -5.37 -3.89
CA GLU C 92 -12.19 -6.21 -4.87
C GLU C 92 -13.24 -5.43 -5.71
N ASP C 93 -13.47 -4.16 -5.40
CA ASP C 93 -14.41 -3.34 -6.17
C ASP C 93 -14.06 -3.35 -7.66
N VAL C 94 -15.05 -3.62 -8.51
CA VAL C 94 -14.84 -3.66 -9.98
C VAL C 94 -15.87 -2.84 -10.76
N GLY C 95 -15.47 -2.43 -11.98
CA GLY C 95 -16.39 -1.77 -12.91
C GLY C 95 -16.62 -0.26 -12.77
N SER C 96 -16.07 0.37 -11.73
CA SER C 96 -16.18 1.84 -11.54
C SER C 96 -14.82 2.50 -11.48
N ASN C 97 -14.70 3.68 -12.09
CA ASN C 97 -13.51 4.52 -12.02
C ASN C 97 -13.19 4.80 -10.56
N LYS C 98 -12.04 4.27 -10.12
CA LYS C 98 -11.58 4.38 -8.74
C LYS C 98 -10.91 5.74 -8.48
N GLY C 99 -10.79 6.54 -9.53
CA GLY C 99 -9.99 7.79 -9.48
C GLY C 99 -8.52 7.44 -9.32
N ALA C 100 -7.73 8.39 -8.84
CA ALA C 100 -6.32 8.18 -8.59
C ALA C 100 -6.17 7.27 -7.38
N ILE C 101 -5.33 6.23 -7.50
CA ILE C 101 -5.08 5.37 -6.33
C ILE C 101 -4.14 6.13 -5.38
N ILE C 102 -4.57 6.30 -4.14
CA ILE C 102 -3.84 7.13 -3.16
C ILE C 102 -3.04 6.22 -2.24
N GLY C 103 -3.60 5.05 -1.91
CA GLY C 103 -2.93 4.15 -0.99
C GLY C 103 -3.71 2.88 -0.75
N LEU C 104 -3.04 1.93 -0.11
CA LEU C 104 -3.62 0.66 0.23
C LEU C 104 -3.45 0.47 1.73
N MET C 105 -4.56 0.29 2.45
CA MET C 105 -4.54 -0.07 3.88
C MET C 105 -4.58 -1.57 4.06
N VAL C 106 -3.87 -2.06 5.07
CA VAL C 106 -3.92 -3.46 5.47
C VAL C 106 -5.37 -3.73 5.91
N GLY C 107 -5.91 -4.85 5.48
CA GLY C 107 -7.34 -5.14 5.69
C GLY C 107 -8.08 -5.01 4.37
N GLY C 108 -7.33 -4.72 3.29
CA GLY C 108 -7.89 -4.75 1.94
C GLY C 108 -8.73 -3.54 1.55
N VAL C 109 -8.44 -2.39 2.15
CA VAL C 109 -9.19 -1.18 1.87
C VAL C 109 -8.29 -0.21 1.12
N VAL C 110 -8.79 0.28 -0.02
CA VAL C 110 -8.05 1.18 -0.90
C VAL C 110 -8.59 2.60 -0.71
N ILE C 111 -7.69 3.57 -0.70
CA ILE C 111 -8.06 5.00 -0.73
C ILE C 111 -7.88 5.51 -2.16
N GLY C 112 -8.94 6.12 -2.67
CA GLY C 112 -8.92 6.78 -3.98
C GLY C 112 -9.18 8.27 -3.83
N GLY C 113 -8.87 9.04 -4.88
CA GLY C 113 -9.10 10.47 -4.88
C GLY C 113 -9.42 11.05 -6.26
N GLU C 114 -10.23 12.11 -6.27
CA GLU C 114 -10.53 12.90 -7.49
C GLU C 114 -10.34 14.36 -7.13
N LYS C 115 -9.75 15.12 -8.04
CA LYS C 115 -9.43 16.54 -7.84
C LYS C 115 -10.30 17.42 -8.72
N GLY C 116 -10.72 18.58 -8.18
CA GLY C 116 -11.43 19.55 -8.99
C GLY C 116 -10.44 20.13 -10.00
N ALA C 117 -10.98 20.77 -11.05
CA ALA C 117 -10.14 21.27 -12.12
C ALA C 117 -9.43 22.59 -11.79
N GLY C 118 -9.78 23.20 -10.66
CA GLY C 118 -9.13 24.41 -10.19
C GLY C 118 -9.92 25.70 -10.24
N THR C 119 -9.59 26.62 -9.33
CA THR C 119 -10.15 27.96 -9.30
C THR C 119 -8.97 28.93 -9.36
N ALA C 120 -8.85 29.65 -10.47
CA ALA C 120 -7.84 30.70 -10.58
C ALA C 120 -8.35 32.02 -9.96
N LEU C 121 -7.85 32.34 -8.76
CA LEU C 121 -8.22 33.58 -8.06
C LEU C 121 -7.17 34.68 -8.18
N THR C 122 -7.61 35.89 -8.58
CA THR C 122 -6.83 37.10 -8.43
C THR C 122 -7.50 38.02 -7.40
N VAL C 123 -6.71 38.66 -6.57
CA VAL C 123 -7.21 39.61 -5.60
C VAL C 123 -6.46 40.93 -5.78
N LYS C 124 -7.21 42.02 -5.92
CA LYS C 124 -6.63 43.37 -6.09
C LYS C 124 -7.41 44.41 -5.33
N ALA C 125 -6.76 45.50 -4.92
CA ALA C 125 -7.50 46.66 -4.43
C ALA C 125 -8.58 47.07 -5.44
N ALA C 126 -9.77 47.41 -4.92
CA ALA C 126 -10.93 47.84 -5.72
C ALA C 126 -10.59 48.97 -6.69
N ALA D 1 17.89 -9.53 10.12
CA ALA D 1 18.29 -10.13 8.81
C ALA D 1 19.33 -9.27 8.10
N TRP D 2 20.26 -9.92 7.41
CA TRP D 2 21.25 -9.23 6.57
C TRP D 2 21.75 -10.15 5.44
N VAL D 3 22.18 -9.54 4.35
CA VAL D 3 22.75 -10.25 3.21
C VAL D 3 24.28 -10.18 3.23
N ASP D 4 24.91 -11.35 3.14
CA ASP D 4 26.35 -11.49 3.18
C ASP D 4 26.84 -11.61 1.74
N GLN D 5 27.53 -10.58 1.26
CA GLN D 5 28.01 -10.52 -0.12
C GLN D 5 29.53 -10.61 -0.16
N THR D 6 30.05 -11.59 -0.89
CA THR D 6 31.50 -11.77 -1.05
C THR D 6 31.85 -11.93 -2.53
N PRO D 7 33.06 -11.48 -2.94
CA PRO D 7 34.02 -10.75 -2.11
C PRO D 7 33.84 -9.24 -2.12
N ARG D 8 34.13 -8.60 -0.99
CA ARG D 8 34.15 -7.14 -0.85
C ARG D 8 34.89 -6.41 -2.00
N THR D 9 36.07 -6.90 -2.38
CA THR D 9 36.87 -6.30 -3.45
C THR D 9 37.46 -7.33 -4.40
N ALA D 10 37.64 -6.91 -5.65
CA ALA D 10 38.21 -7.78 -6.68
C ALA D 10 38.96 -6.99 -7.75
N THR D 11 40.11 -7.54 -8.16
CA THR D 11 40.87 -7.01 -9.28
C THR D 11 41.07 -8.12 -10.31
N LYS D 12 40.62 -7.88 -11.53
CA LYS D 12 40.72 -8.86 -12.62
C LYS D 12 41.37 -8.26 -13.86
N GLU D 13 41.93 -9.13 -14.72
CA GLU D 13 42.45 -8.73 -16.02
C GLU D 13 41.37 -8.95 -17.08
N THR D 14 41.48 -8.29 -18.23
CA THR D 14 40.48 -8.42 -19.30
C THR D 14 40.41 -9.86 -19.81
N GLY D 15 39.20 -10.33 -20.09
CA GLY D 15 38.99 -11.69 -20.60
C GLY D 15 38.73 -12.73 -19.51
N GLU D 16 39.08 -12.37 -18.25
CA GLU D 16 38.84 -13.25 -17.11
C GLU D 16 37.38 -13.19 -16.65
N SER D 17 37.09 -13.87 -15.54
CA SER D 17 35.74 -13.91 -15.00
C SER D 17 35.71 -13.64 -13.49
N LEU D 18 34.52 -13.33 -12.99
CA LEU D 18 34.30 -13.05 -11.58
C LEU D 18 32.99 -13.69 -11.12
N THR D 19 33.05 -14.30 -9.92
CA THR D 19 31.87 -14.80 -9.26
C THR D 19 31.58 -14.00 -7.98
N ILE D 20 30.33 -13.58 -7.83
CA ILE D 20 29.88 -12.93 -6.58
C ILE D 20 28.84 -13.82 -5.91
N ASN D 21 29.09 -14.14 -4.65
CA ASN D 21 28.18 -14.96 -3.87
C ASN D 21 27.44 -14.16 -2.82
N CYS D 22 26.13 -14.38 -2.71
CA CYS D 22 25.30 -13.72 -1.70
C CYS D 22 24.50 -14.73 -0.89
N VAL D 23 24.47 -14.52 0.42
CA VAL D 23 23.72 -15.38 1.34
C VAL D 23 22.85 -14.52 2.24
N LEU D 24 21.56 -14.86 2.30
CA LEU D 24 20.63 -14.27 3.27
C LEU D 24 20.86 -15.00 4.59
N ARG D 25 21.27 -14.26 5.63
CA ARG D 25 21.56 -14.85 6.94
C ARG D 25 20.68 -14.26 8.04
N ASP D 26 20.56 -15.01 9.13
CA ASP D 26 19.89 -14.55 10.36
C ASP D 26 18.42 -14.21 10.10
N ALA D 27 17.78 -14.98 9.22
CA ALA D 27 16.44 -14.63 8.74
C ALA D 27 15.42 -15.75 8.94
N SER D 28 14.25 -15.39 9.46
CA SER D 28 13.18 -16.34 9.68
C SER D 28 12.40 -16.63 8.40
N PHE D 29 12.50 -15.73 7.42
CA PHE D 29 11.79 -15.86 6.14
C PHE D 29 12.64 -16.54 5.06
N GLU D 30 11.97 -16.93 3.96
CA GLU D 30 12.62 -17.59 2.83
C GLU D 30 13.15 -16.59 1.79
N LEU D 31 13.95 -17.09 0.85
CA LEU D 31 14.39 -16.28 -0.29
C LEU D 31 13.38 -16.41 -1.43
N LYS D 32 12.60 -15.37 -1.67
CA LYS D 32 11.57 -15.41 -2.72
C LYS D 32 12.16 -15.19 -4.11
N ASP D 33 12.94 -14.12 -4.25
CA ASP D 33 13.45 -13.68 -5.53
C ASP D 33 14.78 -12.93 -5.34
N THR D 34 15.42 -12.57 -6.45
CA THR D 34 16.74 -11.92 -6.43
C THR D 34 16.88 -10.78 -7.45
N GLY D 35 17.84 -9.89 -7.22
CA GLY D 35 18.14 -8.79 -8.14
C GLY D 35 19.63 -8.45 -8.08
N TRP D 36 20.18 -8.02 -9.21
CA TRP D 36 21.59 -7.61 -9.29
C TRP D 36 21.72 -6.23 -9.92
N TYR D 37 22.69 -5.45 -9.41
CA TYR D 37 22.86 -4.05 -9.77
C TYR D 37 24.33 -3.68 -9.87
N ARG D 38 24.61 -2.59 -10.57
CA ARG D 38 25.97 -2.07 -10.70
C ARG D 38 25.99 -0.54 -10.88
N THR D 39 26.98 0.09 -10.24
CA THR D 39 27.33 1.46 -10.54
C THR D 39 28.69 1.42 -11.23
N LYS D 40 28.72 1.86 -12.48
CA LYS D 40 29.97 1.93 -13.23
C LYS D 40 30.98 2.82 -12.50
N LEU D 41 32.24 2.40 -12.49
CA LEU D 41 33.31 3.17 -11.85
C LEU D 41 33.37 4.58 -12.45
N GLY D 42 33.09 5.57 -11.61
CA GLY D 42 33.11 6.97 -12.03
C GLY D 42 31.74 7.51 -12.40
N SER D 43 30.75 6.61 -12.46
CA SER D 43 29.34 6.99 -12.65
C SER D 43 28.61 7.14 -11.30
N THR D 44 27.53 7.91 -11.30
CA THR D 44 26.85 8.32 -10.07
C THR D 44 25.63 7.45 -9.76
N ASN D 45 25.03 6.89 -10.80
CA ASN D 45 23.75 6.21 -10.69
C ASN D 45 23.81 4.68 -10.78
N GLU D 46 23.13 4.00 -9.85
CA GLU D 46 23.00 2.55 -9.88
C GLU D 46 22.02 2.11 -10.97
N GLN D 47 22.37 1.04 -11.66
CA GLN D 47 21.58 0.52 -12.77
C GLN D 47 21.43 -0.98 -12.55
N SER D 48 20.29 -1.53 -12.96
CA SER D 48 20.03 -2.96 -12.80
C SER D 48 20.80 -3.76 -13.84
N ILE D 49 21.17 -4.98 -13.48
CA ILE D 49 21.86 -5.88 -14.42
C ILE D 49 20.84 -6.83 -15.04
N SER D 50 20.85 -6.92 -16.37
CA SER D 50 19.98 -7.83 -17.12
C SER D 50 20.61 -9.22 -17.19
N ILE D 51 19.99 -10.18 -16.51
CA ILE D 51 20.46 -11.56 -16.46
C ILE D 51 20.43 -12.22 -17.85
N GLY D 52 21.59 -12.66 -18.31
CA GLY D 52 21.72 -13.28 -19.63
C GLY D 52 22.99 -12.82 -20.34
N GLY D 53 23.43 -13.61 -21.31
CA GLY D 53 24.66 -13.33 -22.04
C GLY D 53 25.88 -13.63 -21.19
N ARG D 54 26.70 -12.61 -20.94
CA ARG D 54 27.89 -12.74 -20.10
C ARG D 54 27.50 -12.95 -18.62
N TYR D 55 26.33 -12.48 -18.25
CA TYR D 55 25.84 -12.52 -16.87
C TYR D 55 24.99 -13.77 -16.60
N VAL D 56 25.55 -14.71 -15.84
CA VAL D 56 24.82 -15.92 -15.44
C VAL D 56 24.60 -16.00 -13.93
N GLU D 57 23.31 -16.11 -13.53
CA GLU D 57 22.92 -16.24 -12.13
C GLU D 57 22.57 -17.69 -11.76
N THR D 58 23.03 -18.11 -10.59
CA THR D 58 22.62 -19.37 -9.99
C THR D 58 21.94 -19.06 -8.65
N VAL D 59 20.83 -19.73 -8.38
CA VAL D 59 20.04 -19.50 -7.16
C VAL D 59 19.77 -20.80 -6.39
N ASN D 60 20.29 -20.86 -5.17
CA ASN D 60 20.01 -21.96 -4.26
C ASN D 60 19.10 -21.50 -3.12
N LYS D 61 17.79 -21.65 -3.34
CA LYS D 61 16.78 -21.19 -2.37
C LYS D 61 16.81 -22.03 -1.09
N GLY D 62 17.23 -23.30 -1.23
CA GLY D 62 17.38 -24.19 -0.07
C GLY D 62 18.30 -23.64 1.00
N SER D 63 19.51 -23.17 0.53
CA SER D 63 20.51 -22.61 1.44
C SER D 63 20.45 -21.06 1.47
N LYS D 64 19.39 -20.52 0.88
CA LYS D 64 19.15 -19.06 0.84
C LYS D 64 20.36 -18.31 0.28
N SER D 65 20.95 -18.90 -0.76
CA SER D 65 22.13 -18.37 -1.42
C SER D 65 21.85 -18.17 -2.91
N PHE D 66 22.59 -17.23 -3.50
CA PHE D 66 22.57 -16.98 -4.94
C PHE D 66 23.87 -16.29 -5.39
N SER D 67 24.27 -16.55 -6.63
CA SER D 67 25.54 -16.07 -7.16
C SER D 67 25.38 -15.42 -8.52
N LEU D 68 26.39 -14.64 -8.91
CA LEU D 68 26.45 -14.06 -10.26
C LEU D 68 27.87 -14.27 -10.81
N ARG D 69 27.96 -14.92 -11.96
CA ARG D 69 29.23 -15.10 -12.63
C ARG D 69 29.26 -14.29 -13.93
N ILE D 70 30.10 -13.25 -13.95
CA ILE D 70 30.27 -12.43 -15.16
C ILE D 70 31.57 -12.84 -15.86
N SER D 71 31.46 -13.18 -17.14
CA SER D 71 32.59 -13.66 -17.92
C SER D 71 33.00 -12.67 -19.01
N ASP D 72 34.13 -12.96 -19.67
CA ASP D 72 34.71 -12.10 -20.72
C ASP D 72 34.76 -10.63 -20.29
N LEU D 73 35.31 -10.40 -19.08
CA LEU D 73 35.35 -9.08 -18.46
C LEU D 73 36.12 -8.07 -19.31
N ARG D 74 35.59 -6.85 -19.36
CA ARG D 74 36.19 -5.76 -20.12
C ARG D 74 36.36 -4.56 -19.17
N VAL D 75 37.22 -3.63 -19.56
CA VAL D 75 37.55 -2.49 -18.69
C VAL D 75 36.30 -1.73 -18.19
N GLU D 76 35.28 -1.63 -19.03
CA GLU D 76 34.09 -0.85 -18.68
C GLU D 76 33.12 -1.58 -17.74
N ASP D 77 33.44 -2.81 -17.36
CA ASP D 77 32.67 -3.52 -16.34
C ASP D 77 33.08 -3.09 -14.92
N SER D 78 34.15 -2.34 -14.83
CA SER D 78 34.64 -1.85 -13.54
C SER D 78 33.54 -1.11 -12.80
N GLY D 79 33.49 -1.30 -11.49
CA GLY D 79 32.46 -0.65 -10.71
C GLY D 79 32.02 -1.44 -9.51
N THR D 80 30.92 -1.01 -8.89
CA THR D 80 30.43 -1.59 -7.66
C THR D 80 29.17 -2.37 -7.96
N TYR D 81 29.26 -3.67 -7.70
CA TYR D 81 28.15 -4.58 -7.93
C TYR D 81 27.46 -4.86 -6.61
N LYS D 82 26.12 -4.89 -6.65
CA LYS D 82 25.33 -5.26 -5.48
C LYS D 82 24.25 -6.28 -5.85
N CYS D 83 23.99 -7.19 -4.91
CA CYS D 83 22.88 -8.12 -4.99
C CYS D 83 21.76 -7.69 -4.06
N GLN D 84 20.56 -8.22 -4.29
CA GLN D 84 19.42 -8.00 -3.39
C GLN D 84 18.61 -9.29 -3.28
N ALA D 85 18.30 -9.63 -2.04
CA ALA D 85 17.44 -10.76 -1.72
C ALA D 85 16.04 -10.23 -1.46
N PHE D 86 15.04 -10.77 -2.17
CA PHE D 86 13.64 -10.40 -1.89
C PHE D 86 12.96 -11.49 -1.06
N TYR D 87 12.02 -11.05 -0.23
CA TYR D 87 11.33 -11.94 0.70
C TYR D 87 9.94 -11.39 1.03
N VAL D 88 9.09 -12.22 1.64
CA VAL D 88 7.78 -11.77 2.11
C VAL D 88 7.64 -11.89 3.63
N PHE D 89 6.78 -11.05 4.19
CA PHE D 89 6.40 -11.12 5.62
C PHE D 89 5.02 -10.49 5.82
N PHE D 90 4.26 -11.01 6.80
CA PHE D 90 2.94 -10.48 7.12
C PHE D 90 3.08 -9.12 7.79
N ALA D 91 2.17 -8.19 7.48
CA ALA D 91 2.23 -6.83 8.05
C ALA D 91 2.15 -6.81 9.58
N GLU D 92 1.58 -7.86 10.17
CA GLU D 92 1.49 -8.01 11.62
C GLU D 92 2.82 -8.42 12.25
N ASP D 93 3.75 -8.91 11.44
CA ASP D 93 5.05 -9.41 11.91
C ASP D 93 5.89 -8.32 12.58
N VAL D 94 5.63 -8.12 13.86
CA VAL D 94 6.30 -7.09 14.65
C VAL D 94 7.66 -7.57 15.14
N GLY D 95 8.64 -7.55 14.24
CA GLY D 95 10.01 -7.95 14.55
C GLY D 95 10.96 -6.79 14.45
N SER D 96 12.25 -7.11 14.37
CA SER D 96 13.30 -6.11 14.19
C SER D 96 13.43 -5.72 12.73
N ASN D 97 12.70 -6.45 11.88
CA ASN D 97 12.69 -6.30 10.42
C ASN D 97 13.44 -5.11 9.81
N LYS D 98 14.71 -5.35 9.50
CA LYS D 98 15.48 -4.38 8.72
C LYS D 98 15.08 -4.59 7.26
N GLY D 99 15.44 -3.65 6.40
CA GLY D 99 15.21 -3.83 4.97
C GLY D 99 14.11 -2.97 4.39
N ALA D 100 14.24 -2.70 3.10
CA ALA D 100 13.34 -1.82 2.38
C ALA D 100 11.96 -2.47 2.15
N ILE D 101 10.93 -1.65 2.08
CA ILE D 101 9.62 -2.13 1.64
C ILE D 101 9.48 -1.91 0.13
N ILE D 102 9.15 -2.99 -0.58
CA ILE D 102 9.05 -3.04 -2.04
C ILE D 102 7.57 -2.98 -2.47
N GLY D 103 6.69 -3.47 -1.62
CA GLY D 103 5.26 -3.46 -1.98
C GLY D 103 4.39 -4.08 -0.93
N LEU D 104 3.08 -3.90 -1.08
CA LEU D 104 2.12 -4.48 -0.15
C LEU D 104 1.01 -5.11 -0.97
N MET D 105 0.76 -6.38 -0.71
CA MET D 105 -0.31 -7.12 -1.38
C MET D 105 -1.54 -7.16 -0.49
N VAL D 106 -2.73 -7.10 -1.09
CA VAL D 106 -3.94 -7.30 -0.29
C VAL D 106 -3.91 -8.74 0.23
N GLY D 107 -4.38 -8.92 1.45
CA GLY D 107 -4.17 -10.17 2.19
C GLY D 107 -3.14 -10.02 3.30
N GLY D 108 -2.42 -8.89 3.31
CA GLY D 108 -1.52 -8.56 4.41
C GLY D 108 -0.05 -8.92 4.21
N VAL D 109 0.33 -9.27 2.99
CA VAL D 109 1.67 -9.72 2.70
C VAL D 109 2.48 -8.50 2.29
N VAL D 110 3.57 -8.26 2.98
CA VAL D 110 4.50 -7.23 2.50
C VAL D 110 5.77 -7.80 1.89
N ILE D 111 6.21 -7.18 0.79
CA ILE D 111 7.38 -7.63 0.03
C ILE D 111 8.56 -6.78 0.47
N GLY D 112 9.61 -7.44 0.94
CA GLY D 112 10.78 -6.75 1.45
C GLY D 112 12.02 -7.04 0.61
N GLY D 113 13.03 -6.20 0.77
CA GLY D 113 14.31 -6.41 0.08
C GLY D 113 15.49 -6.11 0.98
N GLU D 114 16.52 -6.96 0.90
CA GLU D 114 17.75 -6.76 1.66
C GLU D 114 18.94 -6.85 0.71
N LYS D 115 19.78 -5.80 0.72
CA LYS D 115 20.91 -5.72 -0.20
C LYS D 115 22.22 -6.06 0.46
N GLY D 116 23.11 -6.66 -0.33
CA GLY D 116 24.48 -6.92 0.10
C GLY D 116 25.26 -5.62 0.16
N ALA D 117 26.42 -5.67 0.82
CA ALA D 117 27.23 -4.47 1.02
C ALA D 117 28.08 -4.09 -0.20
N GLY D 118 28.11 -4.95 -1.22
CA GLY D 118 28.77 -4.61 -2.49
C GLY D 118 30.11 -5.25 -2.78
N THR D 119 30.43 -5.35 -4.07
CA THR D 119 31.77 -5.76 -4.51
C THR D 119 32.37 -4.68 -5.42
N ALA D 120 33.53 -4.15 -5.02
CA ALA D 120 34.21 -3.14 -5.81
C ALA D 120 35.15 -3.85 -6.81
N LEU D 121 34.74 -3.90 -8.08
CA LEU D 121 35.51 -4.58 -9.10
C LEU D 121 36.29 -3.62 -10.00
N THR D 122 37.60 -3.85 -10.10
CA THR D 122 38.44 -3.18 -11.08
C THR D 122 39.02 -4.20 -12.06
N VAL D 123 38.72 -4.01 -13.34
CA VAL D 123 39.37 -4.81 -14.38
C VAL D 123 40.42 -4.02 -15.18
N LYS D 124 41.61 -4.61 -15.30
CA LYS D 124 42.74 -4.01 -16.03
C LYS D 124 42.77 -4.50 -17.48
N ALA D 125 43.26 -3.66 -18.38
CA ALA D 125 43.44 -4.04 -19.76
C ALA D 125 44.65 -4.97 -19.87
N ALA D 126 44.88 -5.53 -21.06
CA ALA D 126 46.05 -6.38 -21.30
C ALA D 126 47.23 -5.56 -21.81
#